data_3V42
#
_entry.id   3V42
#
_cell.length_a   86.050
_cell.length_b   99.951
_cell.length_c   107.584
_cell.angle_alpha   90.00
_cell.angle_beta   90.00
_cell.angle_gamma   90.00
#
_symmetry.space_group_name_H-M   'C 2 2 21'
#
loop_
_entity.id
_entity.type
_entity.pdbx_description
1 polymer Folliculin
2 water water
#
_entity_poly.entity_id   1
_entity_poly.type   'polypeptide(L)'
_entity_poly.pdbx_seq_one_letter_code
;RKLPVFKSLRHMRQVLGAPSFRMLAWHVLMGNQVIWKSRDVDLVQSAFEVLRTMLPVGCVRIIPYSSQYEEAYRCNFLGL
SPHVQIPPHVLSSEFAVIVEVHAAARSTLHPVGAEDDQSLSKYEFVVTSGSPVAADRVGPTILNKIEAALTNQNLSVDVV
DQALVALKEEWMNKVKVLFKFTKVDSRPKEDTQKLLSILGASEEDNVKLLKFWMTGLSKTYKSHLM
;
_entity_poly.pdbx_strand_id   A,B
#
# COMPACT_ATOMS: atom_id res chain seq x y z
N LEU A 3 -8.65 15.58 10.83
CA LEU A 3 -9.06 15.53 12.22
C LEU A 3 -9.79 14.27 12.57
N PRO A 4 -10.62 13.77 11.71
CA PRO A 4 -11.25 12.48 11.97
C PRO A 4 -10.40 11.32 11.43
N VAL A 5 -9.31 10.99 12.10
CA VAL A 5 -8.45 9.86 11.77
C VAL A 5 -8.04 9.09 13.03
N PHE A 6 -7.63 7.83 12.88
CA PHE A 6 -7.08 7.14 14.02
C PHE A 6 -5.71 7.66 14.37
N LYS A 7 -5.44 7.87 15.65
CA LYS A 7 -4.13 8.36 16.06
C LYS A 7 -3.15 7.37 16.61
N SER A 8 -3.65 6.21 17.03
CA SER A 8 -2.87 5.18 17.64
C SER A 8 -3.63 3.86 17.72
N LEU A 9 -2.95 2.81 18.09
CA LEU A 9 -3.57 1.55 18.35
C LEU A 9 -4.54 1.70 19.49
N ARG A 10 -4.13 2.39 20.53
CA ARG A 10 -4.98 2.60 21.68
C ARG A 10 -6.26 3.33 21.32
N HIS A 11 -6.16 4.34 20.49
CA HIS A 11 -7.31 5.11 20.04
C HIS A 11 -8.24 4.22 19.28
N MET A 12 -7.67 3.41 18.40
CA MET A 12 -8.46 2.54 17.61
C MET A 12 -9.20 1.59 18.53
N ARG A 13 -8.54 1.07 19.56
CA ARG A 13 -9.18 0.18 20.50
C ARG A 13 -10.35 0.85 21.25
N GLN A 14 -10.17 2.08 21.68
CA GLN A 14 -11.20 2.85 22.33
C GLN A 14 -12.41 3.00 21.42
N VAL A 15 -12.16 3.36 20.18
CA VAL A 15 -13.23 3.55 19.24
C VAL A 15 -14.03 2.34 18.74
N LEU A 16 -13.34 1.31 18.27
CA LEU A 16 -13.93 0.03 17.93
C LEU A 16 -14.46 -0.77 19.10
N GLY A 17 -13.82 -0.66 20.24
CA GLY A 17 -14.17 -1.49 21.34
C GLY A 17 -13.30 -2.74 21.50
N ALA A 18 -13.27 -3.25 22.71
CA ALA A 18 -12.34 -4.29 23.04
C ALA A 18 -12.53 -5.57 22.29
N PRO A 19 -13.72 -6.15 22.24
CA PRO A 19 -13.87 -7.40 21.50
C PRO A 19 -13.58 -7.22 20.02
N SER A 20 -14.11 -6.16 19.44
CA SER A 20 -13.94 -5.87 18.04
C SER A 20 -12.48 -5.63 17.70
N PHE A 21 -11.79 -4.86 18.50
CA PHE A 21 -10.38 -4.64 18.29
C PHE A 21 -9.59 -5.94 18.37
N ARG A 22 -9.89 -6.78 19.34
CA ARG A 22 -9.15 -8.00 19.44
C ARG A 22 -9.32 -8.92 18.23
N MET A 23 -10.54 -9.08 17.76
CA MET A 23 -10.82 -9.84 16.57
C MET A 23 -10.11 -9.21 15.36
N LEU A 24 -10.16 -7.90 15.22
CA LEU A 24 -9.46 -7.23 14.15
C LEU A 24 -7.95 -7.43 14.18
N ALA A 25 -7.35 -7.24 15.35
CA ALA A 25 -5.93 -7.43 15.57
C ALA A 25 -5.44 -8.88 15.34
N TRP A 26 -6.26 -9.85 15.72
CA TRP A 26 -5.95 -11.25 15.52
C TRP A 26 -5.82 -11.51 14.05
N HIS A 27 -6.80 -11.06 13.26
CA HIS A 27 -6.71 -11.15 11.81
C HIS A 27 -5.52 -10.40 11.20
N VAL A 28 -5.18 -9.23 11.69
CA VAL A 28 -4.03 -8.56 11.15
C VAL A 28 -2.77 -9.41 11.35
N LEU A 29 -2.58 -9.90 12.57
CA LEU A 29 -1.42 -10.60 12.99
C LEU A 29 -1.21 -11.90 12.26
N MET A 30 -2.28 -12.59 11.97
CA MET A 30 -2.29 -13.89 11.28
C MET A 30 -2.24 -13.78 9.75
N GLY A 31 -2.31 -12.59 9.22
CA GLY A 31 -2.24 -12.39 7.80
C GLY A 31 -3.52 -12.63 7.03
N ASN A 32 -4.62 -12.77 7.72
CA ASN A 32 -5.94 -12.82 7.11
C ASN A 32 -6.32 -11.45 6.51
N GLN A 33 -7.26 -11.44 5.57
CA GLN A 33 -7.60 -10.20 4.88
C GLN A 33 -8.40 -9.26 5.80
N VAL A 34 -8.01 -8.01 5.83
CA VAL A 34 -8.61 -6.99 6.62
C VAL A 34 -9.28 -5.97 5.69
N ILE A 35 -10.60 -5.95 5.73
CA ILE A 35 -11.40 -5.10 4.88
C ILE A 35 -12.04 -3.93 5.62
N TRP A 36 -11.75 -2.75 5.19
CA TRP A 36 -12.42 -1.57 5.68
C TRP A 36 -13.29 -0.85 4.64
N LYS A 37 -14.57 -0.74 4.92
CA LYS A 37 -15.52 -0.15 4.01
C LYS A 37 -16.03 1.19 4.56
N SER A 38 -15.63 2.27 3.90
CA SER A 38 -15.99 3.61 4.26
C SER A 38 -16.09 4.66 3.12
N ARG A 39 -16.88 5.67 3.42
CA ARG A 39 -17.06 6.83 2.62
C ARG A 39 -15.84 7.69 2.68
N ASP A 40 -15.13 7.59 3.79
CA ASP A 40 -14.01 8.44 4.10
C ASP A 40 -12.62 7.84 3.76
N VAL A 41 -12.04 8.29 2.67
CA VAL A 41 -10.79 7.73 2.21
C VAL A 41 -9.68 7.90 3.23
N ASP A 42 -9.59 9.07 3.81
CA ASP A 42 -8.57 9.36 4.78
C ASP A 42 -8.66 8.58 6.11
N LEU A 43 -9.86 8.34 6.55
CA LEU A 43 -10.03 7.61 7.78
C LEU A 43 -9.50 6.21 7.60
N VAL A 44 -9.88 5.59 6.49
CA VAL A 44 -9.43 4.27 6.14
C VAL A 44 -7.93 4.22 5.97
N GLN A 45 -7.31 5.22 5.35
CA GLN A 45 -5.89 5.24 5.21
C GLN A 45 -5.25 5.29 6.59
N SER A 46 -5.79 6.07 7.49
CA SER A 46 -5.31 6.13 8.85
C SER A 46 -5.44 4.78 9.59
N ALA A 47 -6.49 4.04 9.31
CA ALA A 47 -6.69 2.75 9.92
C ALA A 47 -5.55 1.82 9.55
N PHE A 48 -5.23 1.75 8.26
CA PHE A 48 -4.15 0.92 7.79
C PHE A 48 -2.79 1.36 8.30
N GLU A 49 -2.60 2.65 8.43
CA GLU A 49 -1.37 3.22 8.92
C GLU A 49 -1.15 2.77 10.36
N VAL A 50 -2.18 2.77 11.14
CA VAL A 50 -2.15 2.24 12.47
C VAL A 50 -1.99 0.68 12.56
N LEU A 51 -2.78 -0.05 11.83
CA LEU A 51 -2.77 -1.50 11.87
C LEU A 51 -1.44 -2.11 11.42
N ARG A 52 -0.80 -1.50 10.46
CA ARG A 52 0.42 -2.04 9.92
C ARG A 52 1.55 -2.07 10.90
N THR A 53 1.47 -1.23 11.92
CA THR A 53 2.52 -1.17 12.95
C THR A 53 2.62 -2.49 13.72
N MET A 54 1.64 -3.34 13.58
CA MET A 54 1.62 -4.66 14.23
C MET A 54 2.30 -5.79 13.47
N LEU A 55 2.66 -5.52 12.23
CA LEU A 55 3.26 -6.47 11.34
C LEU A 55 4.68 -6.07 10.92
N PRO A 56 5.51 -7.05 10.64
CA PRO A 56 6.77 -6.79 9.99
C PRO A 56 6.48 -6.15 8.67
N VAL A 57 7.29 -5.20 8.26
CA VAL A 57 6.98 -4.40 7.09
C VAL A 57 6.80 -5.25 5.81
N GLY A 58 7.50 -6.35 5.70
CA GLY A 58 7.34 -7.27 4.62
C GLY A 58 6.04 -8.03 4.49
N CYS A 59 5.21 -8.00 5.52
CA CYS A 59 3.95 -8.69 5.55
C CYS A 59 2.72 -7.86 5.09
N VAL A 60 2.97 -6.66 4.60
CA VAL A 60 1.94 -5.70 4.27
C VAL A 60 1.76 -5.61 2.74
N ARG A 61 0.56 -5.89 2.28
CA ARG A 61 0.13 -5.74 0.91
C ARG A 61 -1.24 -5.05 0.88
N ILE A 62 -1.23 -3.79 0.48
CA ILE A 62 -2.37 -2.88 0.67
C ILE A 62 -2.94 -2.35 -0.61
N ILE A 63 -4.24 -2.45 -0.78
CA ILE A 63 -4.95 -1.74 -1.80
C ILE A 63 -5.87 -0.83 -1.03
N PRO A 64 -5.41 0.41 -0.86
CA PRO A 64 -5.96 1.36 0.08
C PRO A 64 -7.41 1.83 -0.11
N TYR A 65 -7.86 1.96 -1.33
CA TYR A 65 -9.22 2.35 -1.57
C TYR A 65 -9.72 1.92 -2.94
N SER A 66 -10.13 0.68 -3.04
CA SER A 66 -10.62 0.09 -4.24
C SER A 66 -12.06 0.33 -4.53
N SER A 67 -12.39 0.30 -5.80
CA SER A 67 -13.76 0.39 -6.25
C SER A 67 -14.39 -0.95 -6.54
N GLN A 68 -13.61 -2.01 -6.42
CA GLN A 68 -14.10 -3.37 -6.42
C GLN A 68 -13.44 -4.28 -5.38
N TYR A 69 -14.16 -5.33 -4.99
CA TYR A 69 -13.59 -6.29 -4.09
C TYR A 69 -12.35 -6.89 -4.76
N GLU A 70 -11.32 -7.13 -3.98
CA GLU A 70 -10.13 -7.80 -4.41
C GLU A 70 -9.83 -8.93 -3.45
N GLU A 71 -9.43 -10.03 -3.99
CA GLU A 71 -9.18 -11.20 -3.23
C GLU A 71 -7.86 -11.10 -2.45
N ALA A 72 -7.66 -12.06 -1.58
CA ALA A 72 -6.56 -12.06 -0.64
C ALA A 72 -5.20 -12.09 -1.29
N TYR A 73 -5.10 -12.80 -2.39
CA TYR A 73 -3.87 -12.84 -3.11
C TYR A 73 -3.48 -11.44 -3.64
N ARG A 74 -4.49 -10.64 -3.86
CA ARG A 74 -4.31 -9.25 -4.22
C ARG A 74 -3.82 -8.30 -3.13
N CYS A 75 -4.34 -8.46 -1.92
CA CYS A 75 -3.94 -7.72 -0.75
C CYS A 75 -4.38 -8.41 0.55
N ASN A 76 -3.66 -8.19 1.63
CA ASN A 76 -4.17 -8.37 2.96
C ASN A 76 -4.89 -7.14 3.61
N PHE A 77 -4.60 -5.95 3.15
CA PHE A 77 -5.33 -4.76 3.58
C PHE A 77 -6.04 -4.18 2.40
N LEU A 78 -7.34 -4.10 2.53
CA LEU A 78 -8.21 -3.64 1.46
C LEU A 78 -9.15 -2.55 1.87
N GLY A 79 -9.06 -1.42 1.24
CA GLY A 79 -10.00 -0.36 1.46
C GLY A 79 -11.12 -0.40 0.44
N LEU A 80 -12.31 -0.06 0.86
CA LEU A 80 -13.45 -0.09 -0.03
C LEU A 80 -14.34 1.10 0.00
N SER A 81 -14.91 1.41 -1.17
CA SER A 81 -15.99 2.37 -1.34
C SER A 81 -17.21 1.79 -0.68
N PRO A 82 -18.13 2.65 -0.34
CA PRO A 82 -19.31 2.26 0.43
C PRO A 82 -20.23 1.24 -0.25
N HIS A 83 -20.43 1.35 -1.55
CA HIS A 83 -21.38 0.49 -2.20
C HIS A 83 -20.78 -0.70 -2.92
N VAL A 84 -19.50 -0.93 -2.68
CA VAL A 84 -18.81 -2.09 -3.17
C VAL A 84 -19.39 -3.32 -2.53
N GLN A 85 -19.54 -4.36 -3.31
CA GLN A 85 -20.17 -5.57 -2.87
C GLN A 85 -19.18 -6.70 -2.57
N ILE A 86 -19.28 -7.27 -1.38
CA ILE A 86 -18.40 -8.32 -0.99
C ILE A 86 -19.01 -9.68 -1.17
N PRO A 87 -18.27 -10.56 -1.83
CA PRO A 87 -18.72 -11.89 -2.17
C PRO A 87 -19.00 -12.76 -0.97
N PRO A 88 -19.90 -13.70 -1.15
CA PRO A 88 -20.40 -14.47 -0.03
C PRO A 88 -19.27 -15.21 0.65
N HIS A 89 -18.31 -15.70 -0.09
CA HIS A 89 -17.27 -16.46 0.54
C HIS A 89 -16.45 -15.67 1.55
N VAL A 90 -16.28 -14.39 1.27
CA VAL A 90 -15.67 -13.47 2.17
C VAL A 90 -16.48 -13.13 3.40
N LEU A 91 -17.76 -12.93 3.20
CA LEU A 91 -18.63 -12.55 4.29
C LEU A 91 -18.66 -13.62 5.35
N SER A 92 -18.57 -14.86 4.95
CA SER A 92 -18.69 -15.95 5.87
C SER A 92 -17.34 -16.53 6.26
N SER A 93 -16.29 -16.00 5.68
CA SER A 93 -14.97 -16.54 5.94
C SER A 93 -14.48 -16.30 7.36
N GLU A 94 -13.82 -17.29 7.89
CA GLU A 94 -13.11 -17.23 9.14
C GLU A 94 -11.72 -16.66 8.92
N PHE A 95 -11.40 -16.35 7.69
CA PHE A 95 -10.12 -15.84 7.32
C PHE A 95 -10.14 -14.40 6.81
N ALA A 96 -11.22 -13.70 7.07
CA ALA A 96 -11.30 -12.29 6.80
C ALA A 96 -12.12 -11.53 7.83
N VAL A 97 -11.79 -10.28 8.00
CA VAL A 97 -12.50 -9.38 8.88
C VAL A 97 -12.90 -8.14 8.14
N ILE A 98 -14.13 -7.78 8.34
CA ILE A 98 -14.70 -6.64 7.71
C ILE A 98 -15.03 -5.61 8.73
N VAL A 99 -14.59 -4.40 8.49
CA VAL A 99 -14.96 -3.28 9.31
C VAL A 99 -15.74 -2.28 8.48
N GLU A 100 -16.98 -2.01 8.87
CA GLU A 100 -17.85 -1.10 8.15
C GLU A 100 -18.11 0.13 8.93
N VAL A 101 -17.94 1.26 8.28
CA VAL A 101 -18.11 2.55 8.91
C VAL A 101 -19.32 3.29 8.38
N HIS A 102 -20.19 3.75 9.26
CA HIS A 102 -21.32 4.59 8.86
C HIS A 102 -21.41 5.85 9.69
N ALA A 103 -22.15 6.82 9.22
CA ALA A 103 -22.39 8.01 10.01
C ALA A 103 -23.18 7.69 11.26
N ALA A 104 -22.80 8.25 12.38
CA ALA A 104 -23.60 8.09 13.58
C ALA A 104 -24.78 9.05 13.54
N ALA A 105 -25.78 8.73 14.34
CA ALA A 105 -26.96 9.58 14.48
C ALA A 105 -26.63 10.91 15.09
N SER A 119 -12.64 13.08 18.94
CA SER A 119 -12.06 12.32 17.85
C SER A 119 -13.05 11.88 16.75
N LEU A 120 -13.70 10.72 16.94
CA LEU A 120 -14.50 9.99 15.93
C LEU A 120 -15.97 9.68 16.20
N SER A 121 -16.62 10.54 16.96
CA SER A 121 -17.98 10.41 17.46
C SER A 121 -19.02 10.35 16.42
N LYS A 122 -18.70 10.83 15.24
CA LYS A 122 -19.61 10.94 14.13
C LYS A 122 -19.74 9.71 13.30
N TYR A 123 -18.96 8.71 13.66
CA TYR A 123 -18.99 7.46 12.98
C TYR A 123 -19.35 6.33 13.92
N GLU A 124 -20.03 5.34 13.38
CA GLU A 124 -20.30 4.10 14.01
C GLU A 124 -19.58 2.97 13.26
N PHE A 125 -18.96 2.09 14.02
CA PHE A 125 -18.16 1.01 13.48
C PHE A 125 -18.75 -0.35 13.77
N VAL A 126 -18.92 -1.16 12.75
CA VAL A 126 -19.24 -2.54 12.96
C VAL A 126 -18.23 -3.56 12.36
N VAL A 127 -17.68 -4.39 13.21
CA VAL A 127 -16.65 -5.30 12.84
C VAL A 127 -17.20 -6.69 12.88
N THR A 128 -17.06 -7.40 11.78
CA THR A 128 -17.60 -8.73 11.60
C THR A 128 -16.62 -9.72 10.99
N SER A 129 -16.82 -10.98 11.30
CA SER A 129 -16.06 -12.04 10.74
C SER A 129 -16.78 -13.33 10.93
N GLY A 130 -16.45 -14.29 10.10
CA GLY A 130 -16.98 -15.61 10.17
C GLY A 130 -16.66 -16.23 11.48
N SER A 131 -17.65 -16.79 12.12
CA SER A 131 -17.53 -17.37 13.44
C SER A 131 -16.66 -18.59 13.54
N PRO A 132 -15.51 -18.40 14.17
CA PRO A 132 -14.80 -19.46 14.86
C PRO A 132 -15.56 -20.75 14.89
N ARG A 137 -8.38 -18.10 18.58
CA ARG A 137 -8.86 -17.69 19.88
C ARG A 137 -7.81 -17.19 20.89
N VAL A 138 -7.28 -18.10 21.70
CA VAL A 138 -6.54 -17.75 22.92
C VAL A 138 -5.25 -16.95 22.72
N GLY A 139 -4.58 -17.19 21.64
CA GLY A 139 -3.38 -16.46 21.34
C GLY A 139 -3.63 -15.68 20.07
N PRO A 140 -2.59 -15.31 19.37
CA PRO A 140 -1.21 -15.56 19.69
C PRO A 140 -0.69 -14.68 20.80
N THR A 141 0.46 -15.03 21.33
CA THR A 141 1.01 -14.37 22.47
C THR A 141 1.24 -12.87 22.32
N ILE A 142 1.71 -12.46 21.16
CA ILE A 142 1.96 -11.07 20.89
C ILE A 142 0.66 -10.27 20.97
N LEU A 143 -0.45 -10.84 20.55
CA LEU A 143 -1.71 -10.20 20.69
C LEU A 143 -2.14 -9.95 22.15
N ASN A 144 -1.96 -10.93 23.01
CA ASN A 144 -2.26 -10.76 24.39
C ASN A 144 -1.36 -9.66 24.94
N LYS A 145 -0.09 -9.72 24.63
CA LYS A 145 0.82 -8.74 25.12
C LYS A 145 0.49 -7.37 24.56
N ILE A 146 0.20 -7.26 23.29
CA ILE A 146 -0.20 -5.98 22.77
C ILE A 146 -1.49 -5.45 23.40
N GLU A 147 -2.50 -6.27 23.49
CA GLU A 147 -3.78 -5.85 24.05
C GLU A 147 -3.59 -5.38 25.50
N ALA A 148 -2.81 -6.13 26.24
CA ALA A 148 -2.52 -5.78 27.61
C ALA A 148 -1.85 -4.42 27.71
N ALA A 149 -0.89 -4.11 26.86
CA ALA A 149 -0.27 -2.80 26.90
C ALA A 149 -1.23 -1.66 26.56
N LEU A 150 -2.07 -1.87 25.57
CA LEU A 150 -3.05 -0.89 25.18
C LEU A 150 -4.03 -0.69 26.30
N THR A 151 -4.27 -1.74 27.04
CA THR A 151 -5.28 -1.73 28.06
C THR A 151 -4.94 -0.77 29.16
N ASN A 152 -3.67 -0.70 29.52
CA ASN A 152 -3.24 0.03 30.70
C ASN A 152 -3.10 1.47 30.34
N GLN A 153 -4.03 2.24 30.86
CA GLN A 153 -4.20 3.63 30.58
C GLN A 153 -3.10 4.44 31.26
N ASN A 154 -2.37 3.76 32.12
CA ASN A 154 -1.22 4.36 32.75
C ASN A 154 0.05 4.26 31.90
N LEU A 155 -0.08 3.96 30.62
CA LEU A 155 1.08 3.79 29.74
C LEU A 155 1.30 5.01 28.89
N SER A 156 2.50 5.53 28.93
CA SER A 156 2.91 6.62 28.08
C SER A 156 2.98 6.14 26.64
N VAL A 157 2.83 7.05 25.71
CA VAL A 157 2.81 6.72 24.31
C VAL A 157 4.12 6.16 23.82
N ASP A 158 5.21 6.71 24.29
CA ASP A 158 6.51 6.21 23.97
C ASP A 158 6.82 4.85 24.49
N VAL A 159 6.31 4.51 25.65
CA VAL A 159 6.41 3.18 26.16
C VAL A 159 5.64 2.19 25.29
N VAL A 160 4.42 2.55 24.94
CA VAL A 160 3.67 1.67 24.11
C VAL A 160 4.33 1.47 22.76
N ASP A 161 4.77 2.55 22.12
CA ASP A 161 5.43 2.43 20.87
C ASP A 161 6.70 1.61 20.92
N GLN A 162 7.59 1.88 21.86
CA GLN A 162 8.82 1.15 21.97
C GLN A 162 8.62 -0.29 22.34
N ALA A 163 7.65 -0.58 23.18
CA ALA A 163 7.35 -1.96 23.47
C ALA A 163 6.88 -2.75 22.24
N LEU A 164 6.07 -2.17 21.40
CA LEU A 164 5.61 -2.82 20.18
C LEU A 164 6.71 -3.17 19.21
N VAL A 165 7.65 -2.24 19.09
CA VAL A 165 8.79 -2.47 18.27
C VAL A 165 9.55 -3.69 18.79
N ALA A 166 9.77 -3.73 20.07
CA ALA A 166 10.50 -4.79 20.69
C ALA A 166 9.83 -6.13 20.56
N LEU A 167 8.53 -6.11 20.79
CA LEU A 167 7.75 -7.30 20.76
C LEU A 167 7.79 -7.88 19.36
N LYS A 168 7.66 -7.01 18.39
CA LYS A 168 7.68 -7.38 17.03
C LYS A 168 9.04 -7.99 16.65
N GLU A 169 10.12 -7.38 17.09
CA GLU A 169 11.47 -7.85 16.90
C GLU A 169 11.69 -9.23 17.54
N GLU A 170 11.18 -9.42 18.74
CA GLU A 170 11.34 -10.65 19.44
C GLU A 170 10.69 -11.72 18.62
N TRP A 171 9.47 -11.49 18.20
CA TRP A 171 8.75 -12.46 17.36
C TRP A 171 9.36 -12.73 15.95
N MET A 172 9.84 -11.71 15.29
CA MET A 172 10.60 -11.92 14.08
C MET A 172 11.89 -12.73 14.30
N ASN A 173 12.57 -12.53 15.41
CA ASN A 173 13.73 -13.33 15.68
C ASN A 173 13.40 -14.81 15.79
N LYS A 174 12.29 -15.09 16.43
CA LYS A 174 11.84 -16.46 16.58
C LYS A 174 11.60 -17.06 15.18
N VAL A 175 11.07 -16.25 14.27
CA VAL A 175 10.84 -16.67 12.92
C VAL A 175 12.16 -17.06 12.27
N LYS A 176 13.16 -16.23 12.46
CA LYS A 176 14.49 -16.46 11.92
C LYS A 176 15.11 -17.73 12.50
N VAL A 177 14.97 -17.89 13.80
CA VAL A 177 15.50 -19.03 14.48
C VAL A 177 14.88 -20.29 13.92
N LEU A 178 13.57 -20.26 13.74
CA LEU A 178 12.78 -21.35 13.19
C LEU A 178 13.10 -21.67 11.75
N PHE A 179 13.33 -20.64 10.96
CA PHE A 179 13.77 -20.82 9.59
C PHE A 179 15.16 -21.45 9.53
N LYS A 180 16.08 -20.97 10.34
CA LYS A 180 17.41 -21.48 10.31
C LYS A 180 17.39 -22.92 10.73
N PHE A 181 16.63 -23.21 11.75
CA PHE A 181 16.47 -24.53 12.34
C PHE A 181 15.89 -25.58 11.45
N THR A 182 14.91 -25.23 10.66
CA THR A 182 14.32 -26.20 9.76
C THR A 182 14.98 -26.16 8.38
N LYS A 183 16.18 -25.63 8.32
CA LYS A 183 17.07 -25.89 7.22
C LYS A 183 17.71 -27.22 7.57
N VAL A 184 17.07 -28.31 7.18
CA VAL A 184 17.58 -29.65 7.46
C VAL A 184 16.66 -30.79 7.02
N PRO A 188 14.80 -34.46 13.14
CA PRO A 188 13.48 -35.09 13.13
C PRO A 188 12.52 -33.99 12.88
N LYS A 189 11.30 -34.13 13.29
CA LYS A 189 10.33 -33.10 13.07
C LYS A 189 9.79 -32.72 14.40
N GLU A 190 9.89 -33.63 15.34
CA GLU A 190 9.47 -33.39 16.70
C GLU A 190 10.41 -32.40 17.39
N ASP A 191 11.57 -32.22 16.81
CA ASP A 191 12.52 -31.29 17.35
C ASP A 191 11.99 -29.85 17.28
N THR A 192 11.23 -29.55 16.25
CA THR A 192 10.77 -28.19 16.07
C THR A 192 9.83 -27.78 17.18
N GLN A 193 8.92 -28.64 17.56
CA GLN A 193 8.02 -28.36 18.64
C GLN A 193 8.78 -28.19 19.92
N LYS A 194 9.80 -29.00 20.14
CA LYS A 194 10.57 -28.85 21.35
C LYS A 194 11.29 -27.51 21.45
N LEU A 195 11.88 -27.09 20.36
CA LEU A 195 12.55 -25.83 20.31
C LEU A 195 11.55 -24.67 20.52
N LEU A 196 10.42 -24.78 19.87
CA LEU A 196 9.41 -23.79 19.93
C LEU A 196 8.92 -23.68 21.34
N SER A 197 8.86 -24.79 22.04
CA SER A 197 8.39 -24.78 23.38
C SER A 197 9.27 -23.97 24.32
N ILE A 198 10.57 -24.09 24.16
CA ILE A 198 11.49 -23.32 24.95
C ILE A 198 11.31 -21.82 24.70
N LEU A 199 10.96 -21.49 23.48
CA LEU A 199 10.89 -20.14 22.99
C LEU A 199 9.52 -19.52 23.22
N GLY A 200 8.69 -20.27 23.92
CA GLY A 200 7.34 -19.92 24.23
C GLY A 200 6.43 -19.78 23.06
N ALA A 201 6.65 -20.55 22.04
CA ALA A 201 5.92 -20.35 20.82
C ALA A 201 5.30 -21.61 20.22
N SER A 202 5.12 -22.62 21.05
CA SER A 202 4.55 -23.91 20.68
C SER A 202 3.05 -24.02 20.44
N GLU A 203 2.31 -23.13 21.04
CA GLU A 203 0.86 -23.10 20.98
C GLU A 203 0.34 -22.84 19.53
N GLU A 204 -0.87 -23.26 19.27
CA GLU A 204 -1.36 -23.37 17.91
C GLU A 204 -1.33 -22.01 17.19
N ASP A 205 -1.86 -20.98 17.82
CA ASP A 205 -1.83 -19.66 17.24
C ASP A 205 -0.42 -19.12 17.02
N ASN A 206 0.47 -19.32 17.97
CA ASN A 206 1.85 -18.88 17.82
C ASN A 206 2.53 -19.54 16.62
N VAL A 207 2.29 -20.82 16.45
CA VAL A 207 2.81 -21.53 15.32
C VAL A 207 2.27 -20.96 13.99
N LYS A 208 0.99 -20.67 13.94
CA LYS A 208 0.39 -20.06 12.78
C LYS A 208 0.99 -18.67 12.50
N LEU A 209 1.17 -17.88 13.53
CA LEU A 209 1.74 -16.57 13.35
C LEU A 209 3.14 -16.63 12.80
N LEU A 210 3.97 -17.52 13.34
CA LEU A 210 5.34 -17.63 12.87
C LEU A 210 5.35 -18.02 11.39
N LYS A 211 4.49 -18.94 11.01
CA LYS A 211 4.43 -19.32 9.62
C LYS A 211 4.11 -18.10 8.77
N PHE A 212 3.10 -17.34 9.11
CA PHE A 212 2.80 -16.18 8.31
C PHE A 212 3.92 -15.14 8.29
N TRP A 213 4.49 -14.87 9.45
CA TRP A 213 5.52 -13.85 9.60
C TRP A 213 6.79 -14.21 8.80
N MET A 214 6.94 -15.47 8.49
CA MET A 214 8.05 -15.95 7.68
C MET A 214 8.00 -15.45 6.25
N THR A 215 6.82 -15.07 5.79
CA THR A 215 6.64 -14.48 4.51
C THR A 215 7.26 -13.11 4.50
N GLY A 216 7.55 -12.59 5.65
CA GLY A 216 8.20 -11.32 5.74
C GLY A 216 9.68 -11.43 5.83
N LEU A 217 10.21 -12.53 5.34
CA LEU A 217 11.63 -12.84 5.39
C LEU A 217 12.07 -13.55 4.08
N SER A 218 13.29 -13.37 3.66
CA SER A 218 13.82 -14.20 2.58
C SER A 218 14.51 -15.45 3.13
N LEU B 3 15.73 15.17 7.33
CA LEU B 3 15.72 13.74 7.22
C LEU B 3 15.81 13.20 5.79
N PRO B 4 16.30 11.98 5.65
CA PRO B 4 16.56 11.42 4.35
C PRO B 4 15.34 10.79 3.67
N VAL B 5 14.36 11.60 3.30
CA VAL B 5 13.20 11.15 2.59
C VAL B 5 12.81 12.15 1.54
N PHE B 6 12.14 11.68 0.49
CA PHE B 6 11.62 12.58 -0.50
C PHE B 6 10.56 13.47 0.12
N LYS B 7 10.65 14.76 -0.12
CA LYS B 7 9.66 15.66 0.41
C LYS B 7 8.51 16.01 -0.54
N SER B 8 8.73 15.80 -1.83
CA SER B 8 7.82 16.23 -2.85
C SER B 8 8.18 15.66 -4.21
N LEU B 9 7.28 15.83 -5.16
CA LEU B 9 7.54 15.48 -6.53
C LEU B 9 8.72 16.27 -7.10
N ARG B 10 8.75 17.57 -6.82
CA ARG B 10 9.86 18.42 -7.25
C ARG B 10 11.17 17.97 -6.69
N HIS B 11 11.20 17.61 -5.42
CA HIS B 11 12.40 17.12 -4.80
C HIS B 11 12.86 15.82 -5.46
N MET B 12 11.92 14.95 -5.72
CA MET B 12 12.25 13.72 -6.42
C MET B 12 12.79 13.98 -7.82
N ARG B 13 12.20 14.91 -8.55
CA ARG B 13 12.66 15.29 -9.85
C ARG B 13 14.07 15.84 -9.82
N GLN B 14 14.37 16.65 -8.82
CA GLN B 14 15.70 17.15 -8.65
C GLN B 14 16.70 16.05 -8.40
N VAL B 15 16.36 15.14 -7.54
CA VAL B 15 17.20 14.03 -7.19
C VAL B 15 17.48 13.00 -8.27
N LEU B 16 16.45 12.56 -8.96
CA LEU B 16 16.57 11.63 -10.05
C LEU B 16 17.05 12.24 -11.33
N GLY B 17 16.83 13.54 -11.50
CA GLY B 17 17.07 14.20 -12.74
C GLY B 17 15.86 14.15 -13.67
N ALA B 18 15.76 15.11 -14.58
CA ALA B 18 14.58 15.26 -15.39
C ALA B 18 14.20 14.07 -16.27
N PRO B 19 15.13 13.54 -17.04
CA PRO B 19 14.78 12.42 -17.87
C PRO B 19 14.42 11.16 -17.11
N SER B 20 15.14 10.82 -16.08
CA SER B 20 14.75 9.66 -15.30
C SER B 20 13.42 9.87 -14.62
N PHE B 21 13.21 11.04 -14.07
CA PHE B 21 11.95 11.29 -13.44
C PHE B 21 10.78 11.21 -14.43
N ARG B 22 10.95 11.73 -15.62
CA ARG B 22 9.89 11.73 -16.59
C ARG B 22 9.53 10.30 -16.90
N MET B 23 10.52 9.48 -17.11
CA MET B 23 10.28 8.08 -17.40
C MET B 23 9.59 7.29 -16.27
N LEU B 24 10.02 7.50 -15.04
CA LEU B 24 9.40 6.92 -13.89
C LEU B 24 7.94 7.34 -13.73
N ALA B 25 7.69 8.62 -13.87
CA ALA B 25 6.35 9.16 -13.75
C ALA B 25 5.39 8.65 -14.83
N TRP B 26 5.89 8.44 -16.03
CA TRP B 26 5.11 7.86 -17.11
C TRP B 26 4.65 6.45 -16.70
N HIS B 27 5.56 5.66 -16.18
CA HIS B 27 5.22 4.32 -15.76
C HIS B 27 4.16 4.33 -14.66
N VAL B 28 4.30 5.29 -13.77
CA VAL B 28 3.38 5.39 -12.69
C VAL B 28 1.99 5.65 -13.22
N LEU B 29 1.88 6.60 -14.12
CA LEU B 29 0.61 7.04 -14.65
C LEU B 29 -0.13 5.97 -15.44
N MET B 30 0.62 5.17 -16.15
CA MET B 30 0.09 4.15 -17.00
C MET B 30 -0.26 2.86 -16.24
N GLY B 31 0.01 2.82 -14.97
CA GLY B 31 -0.22 1.65 -14.15
C GLY B 31 0.79 0.52 -14.29
N ASN B 32 1.95 0.78 -14.89
CA ASN B 32 3.03 -0.18 -14.97
C ASN B 32 3.71 -0.42 -13.61
N GLN B 33 4.40 -1.54 -13.43
CA GLN B 33 5.06 -1.79 -12.16
C GLN B 33 6.22 -0.86 -11.84
N VAL B 34 6.21 -0.35 -10.66
CA VAL B 34 7.21 0.58 -10.22
C VAL B 34 7.99 0.02 -9.04
N ILE B 35 9.27 -0.21 -9.22
CA ILE B 35 10.07 -0.95 -8.26
C ILE B 35 11.18 -0.14 -7.70
N TRP B 36 11.20 -0.01 -6.41
CA TRP B 36 12.27 0.65 -5.72
C TRP B 36 13.04 -0.35 -4.85
N LYS B 37 14.33 -0.43 -5.07
CA LYS B 37 15.16 -1.28 -4.26
C LYS B 37 16.15 -0.47 -3.45
N SER B 38 16.02 -0.59 -2.16
CA SER B 38 16.86 0.04 -1.21
C SER B 38 16.99 -0.61 0.17
N ARG B 39 18.15 -0.42 0.73
CA ARG B 39 18.41 -0.78 2.08
C ARG B 39 17.56 0.05 3.05
N ASP B 40 17.14 1.25 2.65
CA ASP B 40 16.45 2.19 3.51
C ASP B 40 14.91 2.16 3.37
N VAL B 41 14.25 1.53 4.32
CA VAL B 41 12.82 1.33 4.30
C VAL B 41 11.96 2.59 4.29
N ASP B 42 12.27 3.53 5.16
CA ASP B 42 11.59 4.81 5.20
C ASP B 42 11.81 5.59 3.90
N LEU B 43 12.97 5.48 3.29
CA LEU B 43 13.23 6.19 2.07
C LEU B 43 12.27 5.69 0.98
N VAL B 44 12.17 4.39 0.86
CA VAL B 44 11.29 3.76 -0.09
C VAL B 44 9.82 4.11 0.17
N GLN B 45 9.39 4.13 1.42
CA GLN B 45 8.05 4.56 1.73
C GLN B 45 7.81 5.99 1.28
N SER B 46 8.76 6.88 1.51
CA SER B 46 8.60 8.27 1.10
C SER B 46 8.42 8.37 -0.44
N ALA B 47 9.08 7.50 -1.16
CA ALA B 47 9.02 7.55 -2.59
C ALA B 47 7.63 7.21 -3.11
N PHE B 48 7.04 6.17 -2.57
CA PHE B 48 5.69 5.78 -2.84
C PHE B 48 4.61 6.77 -2.35
N GLU B 49 4.83 7.43 -1.23
CA GLU B 49 4.05 8.48 -0.70
CA GLU B 49 4.03 8.50 -0.71
C GLU B 49 4.08 9.55 -1.77
N VAL B 50 5.20 9.97 -2.28
CA VAL B 50 5.20 10.99 -3.29
C VAL B 50 4.59 10.59 -4.62
N LEU B 51 4.96 9.42 -5.11
CA LEU B 51 4.52 8.96 -6.40
C LEU B 51 3.01 8.76 -6.48
N ARG B 52 2.40 8.31 -5.41
CA ARG B 52 0.99 8.02 -5.40
C ARG B 52 0.10 9.23 -5.62
N THR B 53 0.63 10.41 -5.38
CA THR B 53 -0.11 11.63 -5.55
C THR B 53 -0.51 11.80 -7.01
N MET B 54 0.16 11.10 -7.90
CA MET B 54 -0.10 11.20 -9.33
C MET B 54 -1.25 10.33 -9.86
N LEU B 55 -1.72 9.41 -9.03
CA LEU B 55 -2.75 8.46 -9.37
C LEU B 55 -4.02 8.66 -8.58
N PRO B 56 -5.12 8.29 -9.19
CA PRO B 56 -6.38 8.14 -8.51
C PRO B 56 -6.19 7.10 -7.41
N VAL B 57 -6.79 7.30 -6.26
CA VAL B 57 -6.52 6.41 -5.14
C VAL B 57 -6.86 4.96 -5.44
N GLY B 58 -7.89 4.71 -6.21
CA GLY B 58 -8.27 3.38 -6.57
C GLY B 58 -7.26 2.63 -7.40
N CYS B 59 -6.28 3.33 -7.93
CA CYS B 59 -5.30 2.76 -8.82
C CYS B 59 -3.99 2.26 -8.17
N VAL B 60 -3.92 2.37 -6.86
CA VAL B 60 -2.76 2.03 -6.09
C VAL B 60 -2.86 0.63 -5.45
N ARG B 61 -1.86 -0.17 -5.68
CA ARG B 61 -1.74 -1.49 -5.11
C ARG B 61 -0.28 -1.65 -4.75
N ILE B 62 0.00 -1.61 -3.47
CA ILE B 62 1.36 -1.53 -3.00
C ILE B 62 1.80 -2.63 -2.04
N ILE B 63 2.98 -3.15 -2.29
CA ILE B 63 3.71 -3.93 -1.36
C ILE B 63 4.99 -3.20 -1.02
N PRO B 64 4.95 -2.50 0.09
CA PRO B 64 5.90 -1.47 0.41
C PRO B 64 7.34 -1.90 0.63
N TYR B 65 7.60 -3.00 1.26
CA TYR B 65 8.96 -3.46 1.45
C TYR B 65 9.06 -4.95 1.52
N SER B 66 9.07 -5.57 0.37
CA SER B 66 9.10 -6.99 0.22
C SER B 66 10.46 -7.59 0.29
N SER B 67 10.47 -8.83 0.73
CA SER B 67 11.65 -9.67 0.74
C SER B 67 11.79 -10.57 -0.47
N GLN B 68 10.84 -10.53 -1.37
CA GLN B 68 10.91 -11.21 -2.66
C GLN B 68 10.29 -10.38 -3.79
N TYR B 69 10.69 -10.67 -5.01
CA TYR B 69 10.06 -10.08 -6.14
C TYR B 69 8.60 -10.52 -6.16
N GLU B 70 7.72 -9.59 -6.48
CA GLU B 70 6.33 -9.86 -6.67
C GLU B 70 5.88 -9.38 -8.04
N GLU B 71 5.04 -10.16 -8.69
CA GLU B 71 4.57 -9.85 -9.99
C GLU B 71 3.54 -8.70 -9.97
N ALA B 72 3.26 -8.19 -11.14
CA ALA B 72 2.36 -7.08 -11.35
C ALA B 72 0.98 -7.34 -10.85
N TYR B 73 0.49 -8.56 -10.94
CA TYR B 73 -0.82 -8.83 -10.38
C TYR B 73 -0.90 -8.64 -8.86
N ARG B 74 0.19 -8.88 -8.21
CA ARG B 74 0.38 -8.60 -6.80
C ARG B 74 0.45 -7.12 -6.37
N CYS B 75 1.11 -6.31 -7.18
CA CYS B 75 1.25 -4.88 -6.93
C CYS B 75 1.75 -4.08 -8.14
N ASN B 76 1.25 -2.87 -8.34
CA ASN B 76 1.92 -1.92 -9.19
C ASN B 76 3.05 -1.11 -8.51
N PHE B 77 3.05 -1.00 -7.20
CA PHE B 77 4.15 -0.40 -6.46
C PHE B 77 4.85 -1.44 -5.54
N LEU B 78 6.12 -1.66 -5.78
CA LEU B 78 6.87 -2.66 -5.06
C LEU B 78 8.17 -2.14 -4.47
N GLY B 79 8.29 -2.21 -3.18
CA GLY B 79 9.50 -1.96 -2.47
C GLY B 79 10.29 -3.24 -2.29
N LEU B 80 11.58 -3.18 -2.50
CA LEU B 80 12.41 -4.32 -2.27
C LEU B 80 13.61 -4.12 -1.39
N SER B 81 13.90 -5.16 -0.63
CA SER B 81 15.09 -5.29 0.19
C SER B 81 16.23 -5.39 -0.74
N PRO B 82 17.41 -5.08 -0.26
CA PRO B 82 18.58 -4.94 -1.12
C PRO B 82 19.00 -6.20 -1.87
N HIS B 83 18.87 -7.36 -1.26
CA HIS B 83 19.39 -8.54 -1.88
C HIS B 83 18.36 -9.28 -2.66
N VAL B 84 17.21 -8.67 -2.83
CA VAL B 84 16.21 -9.32 -3.60
C VAL B 84 16.60 -9.34 -5.04
N GLN B 85 16.25 -10.42 -5.70
CA GLN B 85 16.63 -10.64 -7.05
C GLN B 85 15.47 -10.44 -7.99
N ILE B 86 15.66 -9.59 -8.96
CA ILE B 86 14.64 -9.30 -9.94
C ILE B 86 14.83 -10.15 -11.19
N PRO B 87 13.77 -10.78 -11.68
CA PRO B 87 13.78 -11.73 -12.79
C PRO B 87 13.99 -11.19 -14.20
N PRO B 88 14.26 -12.12 -15.14
CA PRO B 88 14.67 -11.74 -16.49
C PRO B 88 13.56 -10.99 -17.17
N HIS B 89 12.37 -11.53 -17.05
CA HIS B 89 11.26 -11.00 -17.72
C HIS B 89 10.93 -9.60 -17.25
N VAL B 90 11.54 -9.19 -16.16
CA VAL B 90 11.27 -7.86 -15.62
C VAL B 90 12.21 -6.75 -15.97
N LEU B 91 13.49 -7.01 -15.90
CA LEU B 91 14.45 -5.98 -16.19
C LEU B 91 14.35 -5.46 -17.60
N SER B 92 13.94 -6.33 -18.48
CA SER B 92 13.88 -6.01 -19.85
C SER B 92 12.47 -5.71 -20.24
N SER B 93 11.53 -5.75 -19.31
CA SER B 93 10.14 -5.43 -19.62
C SER B 93 9.90 -3.97 -20.01
N GLU B 94 8.97 -3.75 -20.91
CA GLU B 94 8.56 -2.42 -21.30
C GLU B 94 7.54 -1.84 -20.31
N PHE B 95 7.13 -2.67 -19.38
CA PHE B 95 6.01 -2.39 -18.53
C PHE B 95 6.38 -2.32 -17.05
N ALA B 96 7.66 -2.17 -16.79
CA ALA B 96 8.19 -1.99 -15.47
C ALA B 96 9.32 -1.03 -15.48
N VAL B 97 9.53 -0.34 -14.37
CA VAL B 97 10.65 0.54 -14.18
C VAL B 97 11.24 0.23 -12.83
N ILE B 98 12.53 0.32 -12.74
CA ILE B 98 13.24 0.00 -11.54
C ILE B 98 14.09 1.16 -11.09
N VAL B 99 14.03 1.47 -9.82
CA VAL B 99 14.90 2.42 -9.22
C VAL B 99 15.74 1.69 -8.19
N GLU B 100 17.03 1.65 -8.44
CA GLU B 100 17.98 1.09 -7.53
C GLU B 100 18.67 2.21 -6.76
N VAL B 101 18.74 2.07 -5.48
CA VAL B 101 19.37 3.03 -4.62
C VAL B 101 20.61 2.46 -3.94
N HIS B 102 21.71 3.18 -3.95
CA HIS B 102 22.94 2.81 -3.23
C HIS B 102 23.54 3.98 -2.52
N ALA B 103 24.59 3.76 -1.75
CA ALA B 103 25.17 4.83 -0.97
C ALA B 103 26.10 5.77 -1.72
N GLN B 118 18.05 17.71 5.28
CA GLN B 118 17.04 17.70 4.22
C GLN B 118 17.43 16.84 2.99
N SER B 119 18.71 16.65 2.83
CA SER B 119 19.26 16.01 1.68
C SER B 119 19.17 14.49 1.61
N LEU B 120 19.21 14.06 0.36
CA LEU B 120 19.40 12.72 -0.10
C LEU B 120 20.79 12.60 -0.75
N SER B 121 21.69 13.46 -0.31
CA SER B 121 23.05 13.55 -0.83
C SER B 121 23.80 12.24 -0.65
N LYS B 122 23.51 11.58 0.43
CA LYS B 122 24.11 10.32 0.82
C LYS B 122 23.78 9.18 -0.11
N TYR B 123 22.77 9.33 -0.93
CA TYR B 123 22.30 8.28 -1.78
C TYR B 123 22.46 8.60 -3.24
N GLU B 124 22.69 7.55 -3.99
CA GLU B 124 22.80 7.55 -5.40
C GLU B 124 21.61 6.77 -5.96
N PHE B 125 21.08 7.22 -7.09
CA PHE B 125 19.88 6.68 -7.68
C PHE B 125 20.07 6.29 -9.13
N VAL B 126 19.70 5.09 -9.49
CA VAL B 126 19.77 4.70 -10.86
C VAL B 126 18.41 4.19 -11.36
N VAL B 127 17.88 4.75 -12.43
CA VAL B 127 16.56 4.40 -12.93
C VAL B 127 16.64 3.68 -14.23
N THR B 128 16.09 2.50 -14.29
CA THR B 128 16.05 1.75 -15.52
C THR B 128 14.74 1.13 -15.91
N SER B 129 14.58 1.01 -17.21
CA SER B 129 13.47 0.34 -17.82
C SER B 129 13.73 -0.21 -19.20
N GLY B 130 13.04 -1.27 -19.51
CA GLY B 130 13.00 -1.82 -20.82
C GLY B 130 12.21 -1.02 -21.81
N SER B 131 11.44 -0.03 -21.37
CA SER B 131 10.58 0.69 -22.27
C SER B 131 11.44 1.46 -23.28
N PRO B 132 10.98 1.57 -24.50
CA PRO B 132 11.82 2.19 -25.51
C PRO B 132 12.13 3.63 -25.14
N VAL B 133 13.35 4.06 -25.41
CA VAL B 133 13.85 5.37 -25.06
C VAL B 133 13.00 6.41 -25.76
N ALA B 134 12.67 7.49 -25.09
CA ALA B 134 11.88 8.57 -25.64
C ALA B 134 10.39 8.33 -25.70
N ALA B 135 9.94 7.12 -25.52
CA ALA B 135 8.52 6.80 -25.60
C ALA B 135 7.69 7.51 -24.52
N ASP B 136 8.28 7.80 -23.39
CA ASP B 136 7.64 8.49 -22.27
C ASP B 136 7.55 10.01 -22.39
N ARG B 137 8.23 10.52 -23.40
CA ARG B 137 8.51 11.93 -23.58
C ARG B 137 7.46 13.00 -23.95
N VAL B 138 6.44 12.65 -24.71
CA VAL B 138 5.51 13.63 -25.17
C VAL B 138 4.07 13.52 -24.67
N GLY B 139 3.78 12.47 -23.96
CA GLY B 139 2.47 12.22 -23.40
C GLY B 139 2.61 11.53 -22.05
N PRO B 140 1.56 11.39 -21.29
CA PRO B 140 0.24 11.94 -21.52
C PRO B 140 0.15 13.38 -21.10
N THR B 141 -0.97 14.02 -21.34
CA THR B 141 -1.12 15.44 -21.05
C THR B 141 -0.91 15.77 -19.60
N ILE B 142 -1.45 14.98 -18.71
CA ILE B 142 -1.25 15.26 -17.32
C ILE B 142 0.23 15.24 -16.95
N LEU B 143 0.99 14.35 -17.53
CA LEU B 143 2.40 14.33 -17.30
C LEU B 143 3.11 15.60 -17.81
N ASN B 144 2.75 16.07 -18.98
CA ASN B 144 3.31 17.30 -19.52
C ASN B 144 2.99 18.46 -18.61
N LYS B 145 1.77 18.52 -18.12
CA LYS B 145 1.41 19.54 -17.18
C LYS B 145 2.16 19.47 -15.85
N ILE B 146 2.26 18.29 -15.30
CA ILE B 146 2.98 18.11 -14.08
C ILE B 146 4.42 18.48 -14.32
N GLU B 147 5.03 18.03 -15.38
CA GLU B 147 6.43 18.33 -15.58
C GLU B 147 6.65 19.84 -15.64
N ALA B 148 5.85 20.53 -16.41
CA ALA B 148 5.98 21.94 -16.54
C ALA B 148 5.81 22.63 -15.20
N ALA B 149 4.91 22.18 -14.35
CA ALA B 149 4.78 22.77 -13.04
C ALA B 149 6.02 22.61 -12.15
N LEU B 150 6.58 21.43 -12.15
CA LEU B 150 7.71 21.11 -11.32
C LEU B 150 8.90 21.93 -11.73
N THR B 151 8.98 22.19 -13.01
CA THR B 151 10.02 22.97 -13.62
C THR B 151 10.02 24.44 -13.15
N ASN B 152 8.87 24.97 -12.85
CA ASN B 152 8.77 26.38 -12.56
C ASN B 152 9.03 26.61 -11.10
N GLN B 153 10.17 27.17 -10.81
CA GLN B 153 10.66 27.26 -9.46
C GLN B 153 9.94 28.32 -8.62
N ASN B 154 9.14 29.10 -9.30
CA ASN B 154 8.35 30.13 -8.69
C ASN B 154 7.09 29.56 -8.04
N LEU B 155 6.88 28.27 -8.23
CA LEU B 155 5.73 27.61 -7.67
C LEU B 155 5.90 27.18 -6.28
N SER B 156 4.96 27.59 -5.47
CA SER B 156 4.90 27.10 -4.16
C SER B 156 4.56 25.64 -4.25
N VAL B 157 5.00 24.90 -3.26
CA VAL B 157 4.84 23.46 -3.22
C VAL B 157 3.36 23.15 -3.17
N ASP B 158 2.61 23.95 -2.46
CA ASP B 158 1.21 23.68 -2.46
C ASP B 158 0.36 24.21 -3.63
N VAL B 159 0.85 25.14 -4.40
CA VAL B 159 0.20 25.44 -5.63
C VAL B 159 0.28 24.18 -6.44
N VAL B 160 1.44 23.52 -6.47
CA VAL B 160 1.55 22.25 -7.15
C VAL B 160 0.65 21.15 -6.59
N ASP B 161 0.56 21.01 -5.29
CA ASP B 161 -0.25 19.99 -4.71
C ASP B 161 -1.72 20.18 -5.13
N GLN B 162 -2.25 21.36 -4.96
CA GLN B 162 -3.63 21.63 -5.28
C GLN B 162 -3.91 21.48 -6.79
N ALA B 163 -2.98 21.89 -7.62
CA ALA B 163 -3.14 21.71 -9.04
C ALA B 163 -3.19 20.23 -9.52
N LEU B 164 -2.36 19.40 -8.94
CA LEU B 164 -2.34 17.99 -9.26
C LEU B 164 -3.66 17.33 -8.90
N VAL B 165 -4.21 17.72 -7.77
CA VAL B 165 -5.49 17.22 -7.33
C VAL B 165 -6.55 17.60 -8.38
N ALA B 166 -6.54 18.83 -8.80
CA ALA B 166 -7.40 19.35 -9.80
C ALA B 166 -7.24 18.71 -11.15
N LEU B 167 -6.00 18.53 -11.57
CA LEU B 167 -5.69 17.81 -12.79
C LEU B 167 -6.14 16.36 -12.73
N LYS B 168 -5.95 15.70 -11.59
CA LYS B 168 -6.40 14.35 -11.42
C LYS B 168 -7.92 14.25 -11.54
N GLU B 169 -8.64 15.15 -10.91
CA GLU B 169 -10.10 15.21 -10.99
C GLU B 169 -10.56 15.41 -12.46
N GLU B 170 -9.86 16.27 -13.18
CA GLU B 170 -10.18 16.55 -14.55
C GLU B 170 -10.06 15.31 -15.40
N TRP B 171 -8.94 14.64 -15.27
CA TRP B 171 -8.68 13.43 -16.03
C TRP B 171 -9.63 12.26 -15.64
N MET B 172 -9.92 12.13 -14.36
CA MET B 172 -10.89 11.17 -13.90
C MET B 172 -12.30 11.43 -14.40
N ASN B 173 -12.72 12.69 -14.45
CA ASN B 173 -13.98 13.03 -15.04
C ASN B 173 -14.05 12.65 -16.51
N LYS B 174 -12.96 12.77 -17.24
CA LYS B 174 -12.92 12.29 -18.61
C LYS B 174 -13.16 10.78 -18.69
N VAL B 175 -12.58 10.05 -17.76
CA VAL B 175 -12.73 8.62 -17.69
C VAL B 175 -14.21 8.33 -17.49
N LYS B 176 -14.86 9.07 -16.61
CA LYS B 176 -16.25 8.85 -16.39
C LYS B 176 -17.07 9.11 -17.67
N VAL B 177 -16.84 10.24 -18.29
CA VAL B 177 -17.56 10.66 -19.44
C VAL B 177 -17.37 9.63 -20.54
N LEU B 178 -16.17 9.17 -20.73
CA LEU B 178 -15.86 8.11 -21.68
C LEU B 178 -16.53 6.74 -21.40
N PHE B 179 -16.58 6.33 -20.15
CA PHE B 179 -17.20 5.09 -19.74
C PHE B 179 -18.67 5.12 -20.03
N LYS B 180 -19.28 6.22 -19.65
CA LYS B 180 -20.67 6.46 -19.91
C LYS B 180 -20.98 6.50 -21.38
N PHE B 181 -20.10 7.03 -22.19
CA PHE B 181 -20.36 7.24 -23.59
C PHE B 181 -20.26 5.96 -24.34
N THR B 182 -19.34 5.10 -23.94
CA THR B 182 -19.19 3.82 -24.61
C THR B 182 -19.88 2.66 -23.89
N LYS B 183 -21.04 2.94 -23.31
CA LYS B 183 -21.95 1.95 -22.75
C LYS B 183 -23.30 1.96 -23.46
N ARG B 187 -20.78 3.06 -28.77
CA ARG B 187 -21.05 3.98 -29.86
C ARG B 187 -20.68 3.45 -31.24
N PRO B 188 -20.95 4.22 -32.29
CA PRO B 188 -20.25 3.94 -33.53
C PRO B 188 -18.86 4.26 -33.12
N LYS B 189 -17.92 3.47 -33.54
CA LYS B 189 -16.65 3.52 -32.93
C LYS B 189 -16.14 4.90 -33.14
N GLU B 190 -16.35 5.47 -34.30
CA GLU B 190 -15.73 6.75 -34.66
C GLU B 190 -16.12 7.92 -33.76
N ASP B 191 -17.30 7.85 -33.18
CA ASP B 191 -17.84 8.90 -32.34
C ASP B 191 -16.95 9.07 -31.13
N THR B 192 -16.38 7.97 -30.69
CA THR B 192 -15.54 7.96 -29.54
C THR B 192 -14.27 8.78 -29.69
N GLN B 193 -13.58 8.62 -30.79
CA GLN B 193 -12.41 9.44 -31.03
C GLN B 193 -12.79 10.89 -31.16
N LYS B 194 -13.92 11.17 -31.76
CA LYS B 194 -14.40 12.54 -31.94
C LYS B 194 -14.66 13.23 -30.60
N LEU B 195 -15.30 12.54 -29.69
CA LEU B 195 -15.48 13.04 -28.33
C LEU B 195 -14.16 13.21 -27.63
N LEU B 196 -13.27 12.27 -27.79
CA LEU B 196 -11.99 12.31 -27.18
C LEU B 196 -11.23 13.50 -27.64
N SER B 197 -11.29 13.79 -28.92
CA SER B 197 -10.57 14.89 -29.46
C SER B 197 -11.07 16.21 -28.91
N ILE B 198 -12.36 16.35 -28.71
CA ILE B 198 -12.92 17.54 -28.11
C ILE B 198 -12.41 17.77 -26.67
N LEU B 199 -12.19 16.70 -25.95
CA LEU B 199 -11.80 16.73 -24.57
C LEU B 199 -10.27 16.69 -24.40
N GLY B 200 -9.59 16.85 -25.51
CA GLY B 200 -8.16 16.76 -25.56
C GLY B 200 -7.54 15.43 -25.16
N ALA B 201 -8.15 14.34 -25.51
CA ALA B 201 -7.67 13.08 -25.05
C ALA B 201 -7.48 12.06 -26.11
N SER B 202 -7.36 12.53 -27.33
CA SER B 202 -7.21 11.67 -28.50
C SER B 202 -5.88 10.99 -28.70
N GLU B 203 -4.82 11.55 -28.17
CA GLU B 203 -3.49 11.04 -28.39
C GLU B 203 -3.27 9.67 -27.74
N GLU B 204 -2.28 8.93 -28.22
CA GLU B 204 -2.12 7.58 -27.74
C GLU B 204 -1.79 7.40 -26.25
N ASP B 205 -0.94 8.22 -25.68
CA ASP B 205 -0.66 8.15 -24.26
C ASP B 205 -1.92 8.47 -23.50
N ASN B 206 -2.65 9.48 -23.92
CA ASN B 206 -3.86 9.85 -23.22
C ASN B 206 -4.90 8.74 -23.24
N VAL B 207 -5.09 8.14 -24.39
CA VAL B 207 -6.01 7.04 -24.46
C VAL B 207 -5.59 5.88 -23.55
N LYS B 208 -4.34 5.52 -23.57
CA LYS B 208 -3.86 4.47 -22.70
C LYS B 208 -4.03 4.85 -21.21
N LEU B 209 -3.82 6.10 -20.89
CA LEU B 209 -4.07 6.52 -19.53
C LEU B 209 -5.55 6.39 -19.15
N LEU B 210 -6.44 6.84 -20.00
CA LEU B 210 -7.84 6.71 -19.69
C LEU B 210 -8.19 5.20 -19.53
N LYS B 211 -7.66 4.33 -20.35
CA LYS B 211 -7.98 2.92 -20.21
C LYS B 211 -7.53 2.40 -18.85
N PHE B 212 -6.31 2.70 -18.44
CA PHE B 212 -5.87 2.32 -17.09
C PHE B 212 -6.68 2.95 -15.93
N TRP B 213 -6.90 4.24 -15.98
CA TRP B 213 -7.59 4.96 -14.94
C TRP B 213 -9.03 4.47 -14.76
N MET B 214 -9.59 3.84 -15.74
CA MET B 214 -10.91 3.30 -15.61
C MET B 214 -11.04 2.19 -14.51
N THR B 215 -9.93 1.56 -14.18
CA THR B 215 -9.81 0.68 -13.05
C THR B 215 -9.93 1.40 -11.68
N GLY B 216 -9.85 2.69 -11.65
CA GLY B 216 -9.91 3.46 -10.45
C GLY B 216 -11.30 3.93 -10.16
N LEU B 217 -12.24 3.34 -10.89
CA LEU B 217 -13.69 3.50 -10.71
C LEU B 217 -14.32 2.10 -10.97
N SER B 218 -13.50 1.14 -11.44
CA SER B 218 -13.91 -0.22 -11.88
C SER B 218 -13.88 -1.35 -10.82
#